data_4J8T
#
_entry.id   4J8T
#
_cell.length_a   74.368
_cell.length_b   74.368
_cell.length_c   161.097
_cell.angle_alpha   90.00
_cell.angle_beta   90.00
_cell.angle_gamma   120.00
#
_symmetry.space_group_name_H-M   'P 65'
#
loop_
_entity.id
_entity.type
_entity.pdbx_description
1 polymer 'Engineered Digoxigenin binder protein DIG10.2'
2 non-polymer DIGOXIGENIN
3 water water
#
_entity_poly.entity_id   1
_entity_poly.type   'polypeptide(L)'
_entity_poly.pdbx_seq_one_letter_code
;MNAKEIVVHALRLLENGDARGWCDLFHPEGVLEYPYPPPGYKTRFEGRETIWAHMRLFPEYMTIRFTDVQFYETADPDLA
IGEFHGDGVHTVSGGKLAADYISVLRTRDGQILLYRLFFNPLRVLEPLGLEHHHHHH
;
_entity_poly.pdbx_strand_id   A,B,C,D
#
loop_
_chem_comp.id
_chem_comp.type
_chem_comp.name
_chem_comp.formula
DOG non-polymer DIGOXIGENIN 'C23 H34 O5'
#
# COMPACT_ATOMS: atom_id res chain seq x y z
N MET A 1 -6.46 4.68 17.51
CA MET A 1 -7.05 3.99 16.38
C MET A 1 -7.10 2.47 16.64
N ASN A 2 -8.02 1.77 15.99
CA ASN A 2 -8.00 0.30 16.04
C ASN A 2 -6.99 -0.28 15.04
N ALA A 3 -6.80 -1.59 15.04
CA ALA A 3 -5.76 -2.20 14.21
C ALA A 3 -5.97 -1.96 12.72
N LYS A 4 -7.21 -2.10 12.25
CA LYS A 4 -7.48 -1.92 10.82
C LYS A 4 -7.19 -0.48 10.37
N GLU A 5 -7.47 0.49 11.24
CA GLU A 5 -7.20 1.89 10.92
C GLU A 5 -5.69 2.17 10.85
N ILE A 6 -4.96 1.60 11.79
CA ILE A 6 -3.50 1.72 11.79
C ILE A 6 -2.90 1.13 10.51
N VAL A 7 -3.34 -0.07 10.11
CA VAL A 7 -2.84 -0.70 8.87
C VAL A 7 -2.97 0.25 7.67
N VAL A 8 -4.16 0.81 7.48
CA VAL A 8 -4.41 1.70 6.36
C VAL A 8 -3.62 3.00 6.46
N HIS A 9 -3.50 3.54 7.68
CA HIS A 9 -2.65 4.72 7.90
C HIS A 9 -1.18 4.39 7.60
N ALA A 10 -0.73 3.18 7.96
CA ALA A 10 0.64 2.77 7.70
C ALA A 10 0.93 2.65 6.22
N LEU A 11 0.01 2.04 5.46
CA LEU A 11 0.20 1.90 4.02
C LEU A 11 0.28 3.28 3.38
N ARG A 12 -0.56 4.21 3.85
CA ARG A 12 -0.56 5.57 3.31
C ARG A 12 0.79 6.26 3.52
N LEU A 13 1.34 6.11 4.72
CA LEU A 13 2.65 6.69 5.03
C LEU A 13 3.75 6.18 4.09
N LEU A 14 3.77 4.87 3.84
CA LEU A 14 4.79 4.29 2.97
C LEU A 14 4.63 4.74 1.52
N GLU A 15 3.39 4.85 1.05
CA GLU A 15 3.13 5.34 -0.30
C GLU A 15 3.70 6.73 -0.50
N ASN A 16 3.81 7.49 0.58
CA ASN A 16 4.36 8.85 0.49
C ASN A 16 5.85 8.92 0.77
N GLY A 17 6.51 7.77 0.80
CA GLY A 17 7.94 7.73 1.07
C GLY A 17 8.28 8.07 2.51
N ASP A 18 7.27 8.13 3.39
CA ASP A 18 7.48 8.57 4.77
C ASP A 18 7.80 7.39 5.71
N ALA A 19 8.97 6.80 5.54
CA ALA A 19 9.38 5.64 6.34
C ALA A 19 9.56 6.02 7.82
N ARG A 20 9.91 7.27 8.08
CA ARG A 20 10.08 7.72 9.47
C ARG A 20 8.74 7.69 10.19
N GLY A 21 7.70 8.21 9.53
CA GLY A 21 6.37 8.18 10.10
C GLY A 21 5.85 6.77 10.32
N TRP A 22 6.15 5.87 9.38
CA TRP A 22 5.74 4.47 9.47
C TRP A 22 6.37 3.82 10.70
N CYS A 23 7.68 4.00 10.88
CA CYS A 23 8.38 3.48 12.07
C CYS A 23 7.86 4.09 13.37
N ASP A 24 7.47 5.36 13.30
CA ASP A 24 6.88 6.06 14.44
C ASP A 24 5.63 5.35 14.96
N LEU A 25 4.94 4.63 14.09
CA LEU A 25 3.73 3.90 14.51
C LEU A 25 4.04 2.74 15.44
N PHE A 26 5.26 2.22 15.41
CA PHE A 26 5.61 1.09 16.27
C PHE A 26 5.85 1.50 17.69
N HIS A 27 5.44 0.64 18.62
CA HIS A 27 5.85 0.70 20.02
C HIS A 27 7.37 0.59 20.09
N PRO A 28 8.00 1.26 21.07
CA PRO A 28 9.46 1.16 21.17
C PRO A 28 9.93 -0.29 21.17
N GLU A 29 9.12 -1.18 21.72
CA GLU A 29 9.47 -2.58 21.78
C GLU A 29 8.70 -3.40 20.74
N GLY A 30 8.13 -2.70 19.76
CA GLY A 30 7.39 -3.34 18.68
C GLY A 30 8.27 -4.17 17.76
N VAL A 31 7.66 -5.08 17.04
CA VAL A 31 8.39 -6.08 16.26
C VAL A 31 7.88 -6.11 14.81
N LEU A 32 8.81 -6.06 13.87
CA LEU A 32 8.46 -6.28 12.48
C LEU A 32 8.94 -7.68 12.10
N GLU A 33 8.10 -8.44 11.41
CA GLU A 33 8.52 -9.75 10.95
C GLU A 33 8.26 -9.97 9.47
N TYR A 34 9.23 -10.59 8.79
CA TYR A 34 9.03 -11.07 7.45
C TYR A 34 9.13 -12.59 7.50
N PRO A 35 7.99 -13.30 7.68
CA PRO A 35 8.12 -14.75 7.84
C PRO A 35 8.78 -15.42 6.63
N TYR A 36 8.60 -14.86 5.43
CA TYR A 36 9.20 -15.40 4.20
C TYR A 36 10.15 -14.35 3.63
N PRO A 37 11.34 -14.24 4.23
CA PRO A 37 12.21 -13.12 3.82
C PRO A 37 13.02 -13.47 2.57
N PRO A 38 13.44 -12.45 1.81
CA PRO A 38 14.39 -12.68 0.72
C PRO A 38 15.68 -13.28 1.30
N PRO A 39 16.34 -14.17 0.53
CA PRO A 39 17.58 -14.78 1.01
C PRO A 39 18.52 -13.72 1.57
N GLY A 40 19.11 -13.99 2.72
CA GLY A 40 20.02 -13.02 3.32
C GLY A 40 19.40 -12.15 4.39
N TYR A 41 18.10 -11.87 4.27
CA TYR A 41 17.43 -10.95 5.20
C TYR A 41 17.00 -11.62 6.49
N LYS A 42 16.91 -10.84 7.56
CA LYS A 42 16.40 -11.35 8.82
C LYS A 42 14.89 -11.58 8.68
N THR A 43 14.34 -12.40 9.57
CA THR A 43 12.92 -12.66 9.57
C THR A 43 12.24 -11.85 10.67
N ARG A 44 13.03 -11.32 11.59
CA ARG A 44 12.48 -10.61 12.74
C ARG A 44 13.29 -9.36 13.09
N PHE A 45 12.61 -8.23 13.25
CA PHE A 45 13.25 -6.97 13.62
C PHE A 45 12.65 -6.50 14.92
N GLU A 46 13.43 -6.54 16.00
CA GLU A 46 12.89 -6.24 17.31
C GLU A 46 13.24 -4.83 17.78
N GLY A 47 12.21 -4.06 18.13
CA GLY A 47 12.40 -2.70 18.63
C GLY A 47 12.36 -1.65 17.52
N ARG A 48 11.75 -0.51 17.82
CA ARG A 48 11.53 0.54 16.81
C ARG A 48 12.81 1.00 16.13
N GLU A 49 13.90 1.15 16.89
CA GLU A 49 15.16 1.63 16.31
C GLU A 49 15.77 0.64 15.34
N THR A 50 15.67 -0.64 15.65
CA THR A 50 16.21 -1.67 14.76
C THR A 50 15.43 -1.69 13.44
N ILE A 51 14.12 -1.50 13.56
CA ILE A 51 13.23 -1.45 12.41
C ILE A 51 13.54 -0.22 11.53
N TRP A 52 13.75 0.91 12.18
CA TRP A 52 14.10 2.15 11.48
C TRP A 52 15.45 2.01 10.75
N ALA A 53 16.40 1.31 11.35
CA ALA A 53 17.71 1.15 10.71
C ALA A 53 17.56 0.48 9.35
N HIS A 54 16.61 -0.44 9.31
CA HIS A 54 16.24 -1.17 8.11
C HIS A 54 15.41 -0.30 7.14
N MET A 55 14.33 0.30 7.64
CA MET A 55 13.35 0.96 6.76
C MET A 55 13.75 2.35 6.25
N ARG A 56 14.64 3.03 6.97
CA ARG A 56 15.05 4.37 6.55
C ARG A 56 15.61 4.36 5.13
N LEU A 57 16.12 3.22 4.68
CA LEU A 57 16.76 3.13 3.37
C LEU A 57 15.77 2.97 2.22
N PHE A 58 14.55 2.55 2.54
CA PHE A 58 13.55 2.19 1.54
C PHE A 58 13.17 3.29 0.54
N PRO A 59 12.78 4.49 1.03
CA PRO A 59 12.32 5.59 0.17
C PRO A 59 13.30 5.96 -0.94
N GLU A 60 14.60 5.80 -0.73
CA GLU A 60 15.56 6.14 -1.77
C GLU A 60 15.68 5.01 -2.80
N TYR A 61 15.49 3.77 -2.36
CA TYR A 61 15.62 2.62 -3.27
C TYR A 61 14.33 2.26 -4.03
N MET A 62 13.19 2.73 -3.54
CA MET A 62 11.93 2.26 -4.09
C MET A 62 10.74 3.16 -3.78
N THR A 63 9.83 3.23 -4.74
CA THR A 63 8.55 3.91 -4.57
C THR A 63 7.47 2.83 -4.62
N ILE A 64 6.41 3.00 -3.83
CA ILE A 64 5.38 1.96 -3.76
C ILE A 64 3.95 2.52 -3.67
N ARG A 65 3.00 1.77 -4.21
CA ARG A 65 1.58 2.08 -3.99
C ARG A 65 0.88 0.79 -3.65
N PHE A 66 -0.20 0.89 -2.88
CA PHE A 66 -0.93 -0.30 -2.46
C PHE A 66 -2.35 -0.24 -3.00
N THR A 67 -2.98 -1.40 -3.08
CA THR A 67 -4.37 -1.47 -3.56
C THR A 67 -5.06 -2.72 -3.00
N ASP A 68 -6.38 -2.80 -3.18
CA ASP A 68 -7.13 -4.02 -2.85
C ASP A 68 -7.08 -4.43 -1.35
N VAL A 69 -7.06 -3.43 -0.46
CA VAL A 69 -6.99 -3.73 0.97
C VAL A 69 -8.28 -4.36 1.48
N GLN A 70 -8.19 -5.60 1.98
CA GLN A 70 -9.36 -6.33 2.46
C GLN A 70 -9.07 -6.97 3.82
N PHE A 71 -9.97 -6.80 4.78
CA PHE A 71 -9.73 -7.35 6.11
C PHE A 71 -10.66 -8.53 6.41
N TYR A 72 -10.15 -9.51 7.15
CA TYR A 72 -11.01 -10.56 7.68
C TYR A 72 -11.56 -10.06 9.01
N GLU A 73 -12.78 -10.45 9.38
CA GLU A 73 -13.38 -9.89 10.59
C GLU A 73 -12.89 -10.62 11.85
N THR A 74 -12.18 -9.89 12.70
CA THR A 74 -11.68 -10.44 13.97
C THR A 74 -12.60 -10.11 15.13
N ALA A 75 -12.36 -10.76 16.26
CA ALA A 75 -13.11 -10.49 17.48
C ALA A 75 -12.64 -9.22 18.18
N ASP A 76 -11.32 -9.07 18.29
CA ASP A 76 -10.74 -7.93 18.99
C ASP A 76 -10.26 -6.87 18.02
N PRO A 77 -10.68 -5.61 18.25
CA PRO A 77 -10.29 -4.46 17.42
C PRO A 77 -8.78 -4.19 17.37
N ASP A 78 -8.00 -4.73 18.32
CA ASP A 78 -6.56 -4.49 18.40
C ASP A 78 -5.77 -5.53 17.59
N LEU A 79 -6.50 -6.37 16.89
CA LEU A 79 -5.91 -7.30 15.95
C LEU A 79 -6.55 -7.03 14.59
N ALA A 80 -5.72 -6.91 13.55
CA ALA A 80 -6.23 -6.86 12.19
C ALA A 80 -5.49 -7.87 11.32
N ILE A 81 -6.24 -8.55 10.46
CA ILE A 81 -5.68 -9.49 9.52
C ILE A 81 -6.26 -9.10 8.17
N GLY A 82 -5.40 -8.71 7.24
CA GLY A 82 -5.87 -8.23 5.96
C GLY A 82 -4.94 -8.62 4.84
N GLU A 83 -5.50 -8.71 3.64
CA GLU A 83 -4.66 -8.91 2.48
C GLU A 83 -4.66 -7.63 1.68
N PHE A 84 -3.59 -7.38 0.94
CA PHE A 84 -3.52 -6.25 0.03
C PHE A 84 -2.42 -6.47 -0.99
N HIS A 85 -2.31 -5.55 -1.94
CA HIS A 85 -1.36 -5.69 -3.03
C HIS A 85 -0.46 -4.48 -3.06
N GLY A 86 0.83 -4.70 -3.31
CA GLY A 86 1.79 -3.61 -3.40
C GLY A 86 2.47 -3.62 -4.74
N ASP A 87 2.70 -2.44 -5.31
CA ASP A 87 3.42 -2.30 -6.57
C ASP A 87 4.59 -1.35 -6.38
N GLY A 88 5.80 -1.89 -6.32
CA GLY A 88 6.96 -1.08 -6.05
C GLY A 88 7.79 -0.87 -7.30
N VAL A 89 8.50 0.24 -7.37
CA VAL A 89 9.40 0.51 -8.47
C VAL A 89 10.78 0.81 -7.90
N HIS A 90 11.77 0.03 -8.33
CA HIS A 90 13.16 0.28 -7.96
C HIS A 90 13.59 1.58 -8.63
N THR A 91 14.05 2.54 -7.83
CA THR A 91 14.45 3.84 -8.38
C THR A 91 15.52 3.72 -9.47
N VAL A 92 16.65 3.07 -9.15
CA VAL A 92 17.74 2.94 -10.12
C VAL A 92 17.40 2.00 -11.27
N SER A 93 17.12 0.75 -10.94
CA SER A 93 16.80 -0.28 -11.92
C SER A 93 15.67 0.11 -12.87
N GLY A 94 14.59 0.66 -12.32
CA GLY A 94 13.33 0.78 -13.03
C GLY A 94 12.56 -0.52 -12.86
N GLY A 95 13.22 -1.50 -12.24
CA GLY A 95 12.61 -2.80 -11.97
C GLY A 95 11.37 -2.70 -11.09
N LYS A 96 10.44 -3.62 -11.26
CA LYS A 96 9.19 -3.55 -10.55
C LYS A 96 8.95 -4.75 -9.64
N LEU A 97 8.33 -4.49 -8.49
CA LEU A 97 7.92 -5.53 -7.55
C LEU A 97 6.40 -5.54 -7.49
N ALA A 98 5.81 -6.70 -7.74
CA ALA A 98 4.36 -6.83 -7.65
C ALA A 98 4.06 -7.89 -6.62
N ALA A 99 3.51 -7.48 -5.49
CA ALA A 99 3.41 -8.39 -4.35
C ALA A 99 2.01 -8.46 -3.76
N ASP A 100 1.55 -9.68 -3.50
CA ASP A 100 0.33 -9.89 -2.72
C ASP A 100 0.74 -10.19 -1.29
N TYR A 101 0.25 -9.39 -0.35
CA TYR A 101 0.58 -9.53 1.05
C TYR A 101 -0.54 -10.13 1.85
N ILE A 102 -0.21 -10.84 2.91
CA ILE A 102 -1.16 -11.01 4.00
C ILE A 102 -0.45 -10.59 5.29
N SER A 103 -1.16 -9.82 6.11
CA SER A 103 -0.53 -9.21 7.26
C SER A 103 -1.34 -9.47 8.51
N VAL A 104 -0.62 -9.63 9.61
CA VAL A 104 -1.23 -9.76 10.92
C VAL A 104 -0.65 -8.62 11.74
N LEU A 105 -1.52 -7.79 12.29
CA LEU A 105 -1.07 -6.66 13.08
C LEU A 105 -1.70 -6.74 14.46
N ARG A 106 -0.86 -6.67 15.49
CA ARG A 106 -1.33 -6.54 16.86
C ARG A 106 -1.03 -5.11 17.33
N THR A 107 -2.05 -4.40 17.78
CA THR A 107 -1.82 -3.05 18.28
C THR A 107 -2.10 -2.96 19.77
N ARG A 108 -1.56 -1.92 20.39
CA ARG A 108 -1.88 -1.57 21.76
C ARG A 108 -1.92 -0.05 21.88
N ASP A 109 -3.12 0.50 22.07
CA ASP A 109 -3.27 1.93 22.31
C ASP A 109 -2.64 2.76 21.19
N GLY A 110 -3.07 2.49 19.96
CA GLY A 110 -2.61 3.26 18.81
C GLY A 110 -1.17 3.02 18.36
N GLN A 111 -0.46 2.08 18.98
CA GLN A 111 0.89 1.74 18.50
C GLN A 111 1.04 0.26 18.14
N ILE A 112 1.96 -0.04 17.22
CA ILE A 112 2.10 -1.39 16.69
C ILE A 112 3.05 -2.23 17.55
N LEU A 113 2.55 -3.34 18.07
CA LEU A 113 3.38 -4.29 18.82
C LEU A 113 3.93 -5.38 17.91
N LEU A 114 3.12 -5.80 16.93
CA LEU A 114 3.56 -6.80 15.97
C LEU A 114 3.00 -6.48 14.60
N TYR A 115 3.88 -6.53 13.61
CA TYR A 115 3.52 -6.29 12.21
C TYR A 115 4.12 -7.47 11.46
N ARG A 116 3.33 -8.52 11.28
CA ARG A 116 3.83 -9.76 10.66
C ARG A 116 3.41 -9.77 9.21
N LEU A 117 4.38 -9.63 8.31
CA LEU A 117 4.08 -9.37 6.91
C LEU A 117 4.60 -10.48 5.99
N PHE A 118 3.66 -11.33 5.57
CA PHE A 118 3.93 -12.42 4.63
C PHE A 118 3.91 -11.87 3.20
N PHE A 119 4.86 -12.32 2.39
CA PHE A 119 4.86 -12.07 0.96
C PHE A 119 5.71 -13.15 0.29
N ASN A 120 5.67 -13.22 -1.03
CA ASN A 120 6.40 -14.22 -1.78
C ASN A 120 7.77 -13.65 -2.16
N PRO A 121 8.83 -14.16 -1.52
CA PRO A 121 10.17 -13.61 -1.75
C PRO A 121 10.63 -13.79 -3.20
N LEU A 122 10.00 -14.71 -3.94
CA LEU A 122 10.31 -14.90 -5.36
C LEU A 122 9.97 -13.66 -6.20
N ARG A 123 8.93 -12.92 -5.80
CA ARG A 123 8.61 -11.65 -6.49
C ARG A 123 9.72 -10.60 -6.29
N VAL A 124 10.48 -10.74 -5.21
CA VAL A 124 11.57 -9.80 -4.97
C VAL A 124 12.77 -10.11 -5.85
N LEU A 125 13.04 -11.40 -6.02
CA LEU A 125 14.19 -11.85 -6.80
C LEU A 125 13.92 -11.78 -8.30
N GLU A 126 12.66 -11.65 -8.69
CA GLU A 126 12.30 -11.60 -10.10
C GLU A 126 11.61 -10.27 -10.44
N PRO A 127 12.40 -9.19 -10.55
CA PRO A 127 11.72 -7.95 -10.91
C PRO A 127 11.12 -8.02 -12.32
N LEU A 128 10.11 -7.19 -12.58
CA LEU A 128 9.43 -7.19 -13.87
C LEU A 128 9.57 -5.84 -14.57
N ASN B 2 -17.08 -26.82 13.59
CA ASN B 2 -16.78 -25.47 13.09
C ASN B 2 -15.45 -25.38 12.32
N ALA B 3 -15.05 -24.17 11.95
CA ALA B 3 -13.89 -24.00 11.07
C ALA B 3 -12.59 -24.39 11.74
N LYS B 4 -12.38 -23.95 12.99
CA LYS B 4 -11.16 -24.33 13.71
C LYS B 4 -11.06 -25.82 13.87
N GLU B 5 -12.16 -26.46 14.26
CA GLU B 5 -12.16 -27.93 14.42
C GLU B 5 -11.86 -28.64 13.10
N ILE B 6 -12.44 -28.16 12.01
CA ILE B 6 -12.22 -28.77 10.71
C ILE B 6 -10.75 -28.64 10.33
N VAL B 7 -10.16 -27.48 10.60
CA VAL B 7 -8.75 -27.28 10.30
C VAL B 7 -7.91 -28.35 11.00
N VAL B 8 -8.15 -28.52 12.30
CA VAL B 8 -7.35 -29.46 13.07
C VAL B 8 -7.58 -30.89 12.59
N HIS B 9 -8.83 -31.20 12.26
CA HIS B 9 -9.15 -32.51 11.69
C HIS B 9 -8.44 -32.71 10.33
N ALA B 10 -8.45 -31.69 9.49
CA ALA B 10 -7.75 -31.77 8.20
C ALA B 10 -6.26 -32.05 8.38
N LEU B 11 -5.64 -31.35 9.32
CA LEU B 11 -4.21 -31.53 9.54
C LEU B 11 -3.92 -32.95 10.00
N ARG B 12 -4.71 -33.44 10.95
CA ARG B 12 -4.52 -34.79 11.44
C ARG B 12 -4.68 -35.84 10.33
N LEU B 13 -5.67 -35.65 9.45
CA LEU B 13 -5.80 -36.52 8.27
C LEU B 13 -4.53 -36.58 7.41
N LEU B 14 -3.94 -35.43 7.10
CA LEU B 14 -2.69 -35.41 6.33
C LEU B 14 -1.56 -36.13 7.04
N GLU B 15 -1.50 -35.98 8.36
CA GLU B 15 -0.42 -36.59 9.14
C GLU B 15 -0.55 -38.11 9.07
N ASN B 16 -1.78 -38.61 8.95
CA ASN B 16 -2.04 -40.03 8.84
C ASN B 16 -1.94 -40.51 7.38
N GLY B 17 -1.65 -39.57 6.48
CA GLY B 17 -1.53 -39.88 5.07
C GLY B 17 -2.85 -40.23 4.40
N ASP B 18 -3.95 -39.79 5.02
CA ASP B 18 -5.28 -40.02 4.47
C ASP B 18 -5.68 -38.84 3.57
N ALA B 19 -5.17 -38.83 2.35
CA ALA B 19 -5.45 -37.76 1.40
C ALA B 19 -6.88 -37.86 0.91
N ARG B 20 -7.39 -39.08 0.75
CA ARG B 20 -8.77 -39.27 0.33
C ARG B 20 -9.71 -38.58 1.33
N GLY B 21 -9.49 -38.81 2.63
CA GLY B 21 -10.29 -38.21 3.68
C GLY B 21 -10.18 -36.69 3.76
N TRP B 22 -8.97 -36.21 3.51
CA TRP B 22 -8.73 -34.77 3.49
C TRP B 22 -9.58 -34.12 2.38
N CYS B 23 -9.51 -34.66 1.16
CA CYS B 23 -10.33 -34.18 0.05
C CYS B 23 -11.82 -34.31 0.31
N ASP B 24 -12.22 -35.38 1.01
CA ASP B 24 -13.63 -35.60 1.31
C ASP B 24 -14.21 -34.50 2.20
N LEU B 25 -13.32 -33.75 2.88
CA LEU B 25 -13.78 -32.66 3.75
C LEU B 25 -14.22 -31.44 2.94
N PHE B 26 -13.76 -31.36 1.70
CA PHE B 26 -14.17 -30.26 0.85
C PHE B 26 -15.60 -30.43 0.37
N HIS B 27 -16.33 -29.32 0.33
CA HIS B 27 -17.53 -29.21 -0.49
C HIS B 27 -17.19 -29.62 -1.92
N PRO B 28 -18.14 -30.24 -2.63
CA PRO B 28 -17.95 -30.63 -4.05
C PRO B 28 -17.49 -29.49 -4.95
N GLU B 29 -17.84 -28.25 -4.63
CA GLU B 29 -17.30 -27.12 -5.40
C GLU B 29 -16.33 -26.32 -4.54
N GLY B 30 -15.83 -26.93 -3.48
CA GLY B 30 -14.86 -26.29 -2.61
C GLY B 30 -13.61 -25.97 -3.40
N VAL B 31 -12.83 -25.00 -2.91
CA VAL B 31 -11.65 -24.55 -3.62
C VAL B 31 -10.40 -24.60 -2.74
N LEU B 32 -9.29 -25.10 -3.30
CA LEU B 32 -7.98 -25.03 -2.66
C LEU B 32 -7.14 -23.98 -3.39
N GLU B 33 -6.55 -23.07 -2.61
CA GLU B 33 -5.70 -22.01 -3.18
C GLU B 33 -4.31 -22.00 -2.58
N TYR B 34 -3.32 -21.83 -3.45
CA TYR B 34 -1.94 -21.60 -3.10
C TYR B 34 -1.58 -20.20 -3.62
N PRO B 35 -1.67 -19.17 -2.77
CA PRO B 35 -1.46 -17.81 -3.31
C PRO B 35 -0.01 -17.57 -3.73
N TYR B 36 0.92 -18.28 -3.09
CA TYR B 36 2.34 -18.19 -3.47
C TYR B 36 2.81 -19.55 -3.98
N PRO B 37 2.43 -19.91 -5.21
CA PRO B 37 2.80 -21.23 -5.73
C PRO B 37 4.26 -21.32 -6.20
N PRO B 38 4.89 -22.49 -6.09
CA PRO B 38 6.19 -22.61 -6.76
C PRO B 38 6.04 -22.36 -8.27
N PRO B 39 7.13 -22.00 -8.96
CA PRO B 39 7.02 -21.77 -10.40
C PRO B 39 6.40 -22.97 -11.13
N GLY B 40 5.53 -22.69 -12.11
CA GLY B 40 4.88 -23.75 -12.87
C GLY B 40 3.61 -24.31 -12.26
N TYR B 41 3.43 -24.15 -10.94
CA TYR B 41 2.28 -24.75 -10.27
C TYR B 41 1.01 -23.93 -10.41
N LYS B 42 -0.13 -24.61 -10.35
CA LYS B 42 -1.43 -23.93 -10.26
C LYS B 42 -1.57 -23.25 -8.92
N THR B 43 -2.31 -22.14 -8.89
CA THR B 43 -2.62 -21.45 -7.64
C THR B 43 -4.00 -21.75 -7.12
N ARG B 44 -4.83 -22.39 -7.95
CA ARG B 44 -6.22 -22.61 -7.59
C ARG B 44 -6.70 -23.96 -8.12
N PHE B 45 -7.30 -24.76 -7.25
CA PHE B 45 -7.89 -26.05 -7.62
C PHE B 45 -9.38 -26.05 -7.27
N GLU B 46 -10.22 -25.97 -8.29
CA GLU B 46 -11.66 -25.83 -8.05
C GLU B 46 -12.38 -27.16 -8.15
N GLY B 47 -13.07 -27.53 -7.08
CA GLY B 47 -13.83 -28.77 -7.07
C GLY B 47 -13.09 -29.86 -6.32
N ARG B 48 -13.85 -30.64 -5.58
CA ARG B 48 -13.28 -31.71 -4.76
C ARG B 48 -12.52 -32.74 -5.60
N GLU B 49 -13.05 -33.09 -6.76
CA GLU B 49 -12.39 -34.06 -7.62
C GLU B 49 -11.10 -33.52 -8.23
N THR B 50 -11.08 -32.23 -8.54
CA THR B 50 -9.84 -31.60 -9.03
C THR B 50 -8.78 -31.59 -7.92
N ILE B 51 -9.19 -31.26 -6.70
CA ILE B 51 -8.29 -31.28 -5.55
C ILE B 51 -7.76 -32.70 -5.33
N TRP B 52 -8.65 -33.69 -5.41
CA TRP B 52 -8.23 -35.09 -5.28
C TRP B 52 -7.18 -35.46 -6.34
N ALA B 53 -7.39 -35.06 -7.59
CA ALA B 53 -6.41 -35.33 -8.63
C ALA B 53 -5.01 -34.82 -8.25
N HIS B 54 -4.98 -33.64 -7.62
CA HIS B 54 -3.73 -33.01 -7.21
C HIS B 54 -3.07 -33.72 -6.01
N MET B 55 -3.86 -34.16 -5.06
CA MET B 55 -3.34 -34.65 -3.77
C MET B 55 -3.22 -36.17 -3.64
N ARG B 56 -3.85 -36.92 -4.53
CA ARG B 56 -3.91 -38.38 -4.34
C ARG B 56 -2.53 -39.06 -4.32
N LEU B 57 -1.52 -38.43 -4.93
CA LEU B 57 -0.18 -39.01 -4.89
C LEU B 57 0.63 -38.60 -3.65
N PHE B 58 0.18 -37.58 -2.95
CA PHE B 58 0.93 -37.05 -1.81
C PHE B 58 1.43 -38.15 -0.86
N PRO B 59 0.52 -38.99 -0.37
CA PRO B 59 0.90 -40.04 0.59
C PRO B 59 2.00 -40.94 0.05
N GLU B 60 2.02 -41.16 -1.26
CA GLU B 60 3.00 -42.07 -1.88
C GLU B 60 4.39 -41.45 -1.94
N TYR B 61 4.50 -40.14 -1.73
CA TYR B 61 5.78 -39.46 -1.88
C TYR B 61 6.32 -38.79 -0.61
N MET B 62 5.44 -38.44 0.32
CA MET B 62 5.91 -37.68 1.47
C MET B 62 5.08 -37.96 2.71
N THR B 63 5.68 -37.74 3.88
CA THR B 63 4.93 -37.70 5.12
C THR B 63 5.04 -36.29 5.67
N ILE B 64 4.08 -35.92 6.52
CA ILE B 64 4.10 -34.60 7.10
C ILE B 64 3.61 -34.64 8.56
N ARG B 65 4.18 -33.75 9.37
CA ARG B 65 3.74 -33.54 10.74
C ARG B 65 3.63 -32.03 10.97
N PHE B 66 2.60 -31.61 11.70
CA PHE B 66 2.40 -30.20 11.97
C PHE B 66 2.61 -29.87 13.44
N THR B 67 3.17 -28.69 13.69
CA THR B 67 3.39 -28.23 15.07
C THR B 67 3.00 -26.77 15.22
N ASP B 68 2.99 -26.28 16.46
CA ASP B 68 2.77 -24.85 16.73
C ASP B 68 1.49 -24.34 16.09
N VAL B 69 0.43 -25.14 16.11
CA VAL B 69 -0.84 -24.72 15.55
C VAL B 69 -1.45 -23.63 16.43
N GLN B 70 -1.79 -22.47 15.84
CA GLN B 70 -2.48 -21.41 16.59
C GLN B 70 -3.56 -20.73 15.75
N PHE B 71 -4.66 -20.35 16.37
CA PHE B 71 -5.73 -19.66 15.66
C PHE B 71 -5.98 -18.27 16.21
N TYR B 72 -6.33 -17.36 15.31
CA TYR B 72 -6.79 -16.04 15.73
C TYR B 72 -8.28 -16.10 15.96
N GLU B 73 -8.76 -15.27 16.86
CA GLU B 73 -10.19 -15.22 17.18
C GLU B 73 -10.92 -14.45 16.07
N THR B 74 -11.80 -15.14 15.34
CA THR B 74 -12.62 -14.51 14.31
C THR B 74 -14.01 -14.19 14.85
N ALA B 75 -14.72 -13.27 14.20
CA ALA B 75 -16.11 -13.01 14.55
C ALA B 75 -17.02 -14.19 14.19
N ASP B 76 -16.69 -14.85 13.07
CA ASP B 76 -17.52 -15.90 12.49
C ASP B 76 -16.89 -17.27 12.71
N PRO B 77 -17.60 -18.17 13.42
CA PRO B 77 -17.11 -19.53 13.70
C PRO B 77 -16.90 -20.38 12.45
N ASP B 78 -17.52 -20.02 11.34
CA ASP B 78 -17.31 -20.73 10.08
C ASP B 78 -16.09 -20.21 9.29
N LEU B 79 -15.36 -19.27 9.88
CA LEU B 79 -14.11 -18.81 9.29
C LEU B 79 -12.97 -19.07 10.27
N ALA B 80 -11.91 -19.72 9.81
CA ALA B 80 -10.73 -19.92 10.66
C ALA B 80 -9.48 -19.36 10.01
N ILE B 81 -8.66 -18.70 10.81
CA ILE B 81 -7.38 -18.17 10.34
C ILE B 81 -6.33 -18.66 11.32
N GLY B 82 -5.41 -19.48 10.82
CA GLY B 82 -4.43 -20.10 11.68
C GLY B 82 -3.02 -20.08 11.12
N GLU B 83 -2.05 -20.16 12.03
CA GLU B 83 -0.67 -20.37 11.67
C GLU B 83 -0.22 -21.71 12.20
N PHE B 84 0.67 -22.36 11.47
CA PHE B 84 1.23 -23.62 11.90
C PHE B 84 2.51 -23.95 11.14
N HIS B 85 3.30 -24.85 11.70
CA HIS B 85 4.53 -25.27 11.08
C HIS B 85 4.34 -26.67 10.56
N GLY B 86 4.92 -26.98 9.40
CA GLY B 86 4.86 -28.33 8.89
C GLY B 86 6.23 -28.84 8.51
N ASP B 87 6.55 -30.06 8.90
CA ASP B 87 7.76 -30.73 8.44
C ASP B 87 7.39 -31.83 7.47
N GLY B 88 7.75 -31.67 6.21
CA GLY B 88 7.45 -32.66 5.18
C GLY B 88 8.70 -33.44 4.83
N VAL B 89 8.55 -34.76 4.66
CA VAL B 89 9.69 -35.64 4.42
C VAL B 89 9.41 -36.58 3.27
N HIS B 90 10.30 -36.58 2.27
CA HIS B 90 10.25 -37.58 1.21
C HIS B 90 11.05 -38.82 1.61
N THR B 91 12.33 -38.62 1.94
CA THR B 91 13.28 -39.70 2.27
C THR B 91 13.89 -39.54 3.66
N VAL B 92 14.08 -40.64 4.39
CA VAL B 92 14.73 -40.59 5.71
C VAL B 92 16.10 -39.93 5.65
N LYS B 96 14.35 -32.47 4.14
CA LYS B 96 13.13 -32.02 4.80
C LYS B 96 12.56 -30.79 4.11
N LEU B 97 11.24 -30.65 4.17
CA LEU B 97 10.56 -29.42 3.80
C LEU B 97 9.98 -28.81 5.07
N ALA B 98 10.68 -27.83 5.62
CA ALA B 98 10.25 -27.20 6.86
C ALA B 98 9.60 -25.85 6.57
N ALA B 99 8.28 -25.78 6.73
CA ALA B 99 7.52 -24.61 6.29
C ALA B 99 6.63 -24.01 7.38
N ASP B 100 6.61 -22.68 7.42
CA ASP B 100 5.64 -21.96 8.22
C ASP B 100 4.46 -21.61 7.30
N TYR B 101 3.24 -21.90 7.73
CA TYR B 101 2.05 -21.60 6.94
C TYR B 101 1.21 -20.53 7.59
N ILE B 102 0.46 -19.79 6.78
CA ILE B 102 -0.74 -19.13 7.30
C ILE B 102 -1.91 -19.52 6.42
N SER B 103 -3.05 -19.75 7.06
CA SER B 103 -4.18 -20.38 6.41
C SER B 103 -5.49 -19.65 6.69
N VAL B 104 -6.35 -19.59 5.67
CA VAL B 104 -7.66 -19.00 5.81
C VAL B 104 -8.65 -20.07 5.33
N LEU B 105 -9.54 -20.50 6.22
CA LEU B 105 -10.49 -21.56 5.87
C LEU B 105 -11.95 -21.13 6.11
N ARG B 106 -12.79 -21.35 5.11
CA ARG B 106 -14.21 -21.04 5.22
C ARG B 106 -14.99 -22.34 5.12
N THR B 107 -15.83 -22.61 6.11
CA THR B 107 -16.59 -23.85 6.17
C THR B 107 -18.08 -23.56 6.00
N ARG B 108 -18.82 -24.58 5.60
CA ARG B 108 -20.25 -24.46 5.39
C ARG B 108 -20.88 -25.80 5.74
N ASP B 109 -21.68 -25.82 6.82
CA ASP B 109 -22.25 -27.06 7.33
C ASP B 109 -21.23 -28.19 7.40
N GLY B 110 -20.05 -27.89 7.95
CA GLY B 110 -19.05 -28.90 8.20
C GLY B 110 -18.23 -29.31 6.98
N GLN B 111 -18.39 -28.59 5.87
CA GLN B 111 -17.60 -28.85 4.67
C GLN B 111 -16.70 -27.66 4.35
N ILE B 112 -15.56 -27.92 3.72
CA ILE B 112 -14.64 -26.84 3.35
C ILE B 112 -15.02 -26.22 2.02
N LEU B 113 -15.25 -24.91 2.06
CA LEU B 113 -15.61 -24.16 0.85
C LEU B 113 -14.37 -23.51 0.24
N LEU B 114 -13.50 -23.00 1.11
CA LEU B 114 -12.22 -22.46 0.66
C LEU B 114 -11.13 -22.82 1.67
N TYR B 115 -9.98 -23.26 1.15
CA TYR B 115 -8.79 -23.46 1.98
C TYR B 115 -7.68 -22.70 1.29
N ARG B 116 -7.34 -21.54 1.86
CA ARG B 116 -6.38 -20.65 1.22
C ARG B 116 -5.10 -20.72 2.01
N LEU B 117 -4.07 -21.32 1.40
CA LEU B 117 -2.90 -21.74 2.15
C LEU B 117 -1.62 -21.08 1.65
N PHE B 118 -1.15 -20.14 2.44
CA PHE B 118 0.10 -19.42 2.16
C PHE B 118 1.29 -20.23 2.65
N PHE B 119 2.33 -20.33 1.83
CA PHE B 119 3.63 -20.87 2.27
C PHE B 119 4.72 -20.23 1.43
N ASN B 120 5.98 -20.47 1.80
CA ASN B 120 7.13 -19.88 1.11
C ASN B 120 7.61 -20.80 -0.02
N PRO B 121 7.38 -20.41 -1.28
CA PRO B 121 7.72 -21.32 -2.38
C PRO B 121 9.23 -21.52 -2.51
N LEU B 122 10.00 -20.61 -1.93
CA LEU B 122 11.45 -20.77 -1.88
C LEU B 122 11.86 -21.99 -1.09
N ARG B 123 11.11 -22.34 -0.04
CA ARG B 123 11.48 -23.48 0.79
C ARG B 123 11.25 -24.76 0.01
N VAL B 124 10.40 -24.67 -1.00
CA VAL B 124 10.04 -25.83 -1.81
C VAL B 124 11.13 -26.09 -2.83
N LEU B 125 11.66 -25.02 -3.42
CA LEU B 125 12.79 -25.15 -4.33
C LEU B 125 14.04 -25.54 -3.55
N MET C 1 13.60 7.12 -28.83
CA MET C 1 13.97 7.37 -30.21
C MET C 1 12.87 6.96 -31.19
N ASN C 2 12.64 5.66 -31.38
CA ASN C 2 11.53 5.24 -32.23
C ASN C 2 10.20 5.21 -31.49
N ALA C 3 9.10 4.96 -32.21
CA ALA C 3 7.78 5.05 -31.60
C ALA C 3 7.60 4.03 -30.47
N LYS C 4 8.05 2.79 -30.69
CA LYS C 4 7.93 1.77 -29.63
C LYS C 4 8.67 2.18 -28.36
N GLU C 5 9.90 2.68 -28.51
CA GLU C 5 10.69 3.11 -27.36
C GLU C 5 10.03 4.27 -26.62
N ILE C 6 9.46 5.21 -27.38
CA ILE C 6 8.80 6.36 -26.78
C ILE C 6 7.57 5.93 -25.97
N VAL C 7 6.83 4.96 -26.48
CA VAL C 7 5.66 4.48 -25.76
C VAL C 7 6.07 3.95 -24.38
N VAL C 8 7.10 3.10 -24.37
CA VAL C 8 7.51 2.46 -23.12
C VAL C 8 8.08 3.50 -22.16
N HIS C 9 8.79 4.48 -22.70
CA HIS C 9 9.28 5.60 -21.88
C HIS C 9 8.08 6.39 -21.29
N ALA C 10 7.12 6.75 -22.14
CA ALA C 10 5.90 7.41 -21.67
C ALA C 10 5.22 6.63 -20.55
N LEU C 11 5.04 5.33 -20.73
CA LEU C 11 4.37 4.53 -19.71
C LEU C 11 5.13 4.59 -18.40
N ARG C 12 6.45 4.43 -18.46
CA ARG C 12 7.28 4.47 -17.26
C ARG C 12 7.18 5.82 -16.56
N LEU C 13 7.22 6.90 -17.34
CA LEU C 13 7.01 8.24 -16.76
C LEU C 13 5.70 8.32 -15.95
N LEU C 14 4.60 7.84 -16.51
CA LEU C 14 3.32 7.85 -15.78
C LEU C 14 3.38 7.03 -14.50
N GLU C 15 4.08 5.90 -14.56
CA GLU C 15 4.19 5.02 -13.40
C GLU C 15 4.93 5.74 -12.28
N ASN C 16 5.90 6.57 -12.65
CA ASN C 16 6.67 7.35 -11.70
C ASN C 16 5.98 8.64 -11.24
N GLY C 17 4.76 8.85 -11.73
CA GLY C 17 4.01 10.05 -11.39
C GLY C 17 4.58 11.32 -11.99
N ASP C 18 5.33 11.17 -13.09
CA ASP C 18 5.98 12.30 -13.76
C ASP C 18 5.11 12.79 -14.93
N ALA C 19 3.99 13.45 -14.61
CA ALA C 19 3.10 13.99 -15.64
C ALA C 19 3.77 15.10 -16.45
N ARG C 20 4.59 15.92 -15.79
CA ARG C 20 5.30 16.97 -16.50
C ARG C 20 6.20 16.36 -17.58
N GLY C 21 6.89 15.27 -17.25
CA GLY C 21 7.78 14.60 -18.19
C GLY C 21 7.04 13.91 -19.31
N TRP C 22 5.89 13.33 -18.99
CA TRP C 22 5.04 12.68 -19.98
C TRP C 22 4.61 13.73 -21.02
N CYS C 23 4.10 14.87 -20.56
CA CYS C 23 3.75 15.96 -21.48
C CYS C 23 4.92 16.50 -22.28
N ASP C 24 6.11 16.54 -21.67
CA ASP C 24 7.27 17.08 -22.38
C ASP C 24 7.64 16.23 -23.58
N LEU C 25 7.13 14.99 -23.63
CA LEU C 25 7.42 14.09 -24.76
C LEU C 25 6.62 14.47 -25.99
N PHE C 26 5.54 15.23 -25.80
CA PHE C 26 4.73 15.66 -26.92
C PHE C 26 5.40 16.80 -27.68
N HIS C 27 5.30 16.73 -29.01
CA HIS C 27 5.54 17.90 -29.85
C HIS C 27 4.67 19.04 -29.31
N PRO C 28 5.15 20.28 -29.42
CA PRO C 28 4.38 21.47 -29.02
C PRO C 28 2.99 21.51 -29.65
N GLU C 29 2.83 20.98 -30.86
CA GLU C 29 1.49 20.90 -31.46
C GLU C 29 0.98 19.47 -31.46
N GLY C 30 1.57 18.63 -30.60
CA GLY C 30 1.14 17.25 -30.50
C GLY C 30 -0.28 17.13 -29.98
N VAL C 31 -0.93 16.01 -30.30
CA VAL C 31 -2.34 15.81 -29.98
C VAL C 31 -2.55 14.54 -29.16
N LEU C 32 -3.36 14.64 -28.11
CA LEU C 32 -3.82 13.47 -27.35
C LEU C 32 -5.28 13.22 -27.67
N GLU C 33 -5.61 12.00 -28.08
CA GLU C 33 -7.00 11.65 -28.38
C GLU C 33 -7.51 10.51 -27.52
N TYR C 34 -8.73 10.69 -27.03
CA TYR C 34 -9.52 9.65 -26.38
C TYR C 34 -10.72 9.35 -27.28
N PRO C 35 -10.63 8.33 -28.14
CA PRO C 35 -11.74 8.15 -29.09
C PRO C 35 -13.03 7.69 -28.39
N TYR C 36 -12.90 7.03 -27.24
CA TYR C 36 -14.05 6.59 -26.47
C TYR C 36 -14.07 7.28 -25.11
N PRO C 37 -14.34 8.59 -25.09
CA PRO C 37 -14.27 9.38 -23.86
C PRO C 37 -15.43 9.08 -22.91
N PRO C 38 -15.19 9.14 -21.60
CA PRO C 38 -16.36 9.08 -20.72
C PRO C 38 -17.31 10.26 -21.04
N PRO C 39 -18.60 10.13 -20.69
CA PRO C 39 -19.55 11.20 -21.02
C PRO C 39 -19.08 12.56 -20.50
N GLY C 40 -19.23 13.61 -21.30
CA GLY C 40 -18.84 14.94 -20.89
C GLY C 40 -17.35 15.27 -21.05
N TYR C 41 -16.53 14.24 -21.27
CA TYR C 41 -15.08 14.45 -21.43
C TYR C 41 -14.71 14.89 -22.84
N LYS C 42 -13.63 15.66 -22.96
CA LYS C 42 -13.07 15.97 -24.28
C LYS C 42 -12.49 14.72 -24.92
N THR C 43 -12.59 14.65 -26.24
CA THR C 43 -12.01 13.54 -26.99
C THR C 43 -10.66 13.90 -27.56
N ARG C 44 -10.36 15.19 -27.61
CA ARG C 44 -9.14 15.64 -28.25
C ARG C 44 -8.53 16.78 -27.46
N PHE C 45 -7.21 16.71 -27.22
CA PHE C 45 -6.47 17.79 -26.56
C PHE C 45 -5.30 18.19 -27.47
N GLU C 46 -5.39 19.39 -28.06
CA GLU C 46 -4.39 19.81 -29.04
C GLU C 46 -3.37 20.78 -28.48
N GLY C 47 -2.10 20.40 -28.56
CA GLY C 47 -1.03 21.23 -28.03
C GLY C 47 -0.55 20.71 -26.71
N ARG C 48 0.76 20.72 -26.54
CA ARG C 48 1.41 20.22 -25.34
C ARG C 48 0.94 20.92 -24.07
N GLU C 49 0.75 22.23 -24.15
CA GLU C 49 0.29 23.00 -23.00
C GLU C 49 -1.14 22.63 -22.62
N THR C 50 -1.97 22.35 -23.63
CA THR C 50 -3.35 21.92 -23.35
C THR C 50 -3.38 20.53 -22.72
N ILE C 51 -2.54 19.63 -23.24
CA ILE C 51 -2.39 18.29 -22.66
C ILE C 51 -1.94 18.42 -21.19
N TRP C 52 -0.95 19.27 -20.95
CA TRP C 52 -0.47 19.53 -19.59
C TRP C 52 -1.59 20.01 -18.66
N ALA C 53 -2.39 20.98 -19.11
CA ALA C 53 -3.50 21.46 -18.27
C ALA C 53 -4.40 20.31 -17.85
N HIS C 54 -4.59 19.35 -18.74
CA HIS C 54 -5.44 18.19 -18.51
C HIS C 54 -4.80 17.18 -17.55
N MET C 55 -3.50 16.94 -17.69
CA MET C 55 -2.86 15.85 -16.96
C MET C 55 -2.12 16.27 -15.67
N ARG C 56 -1.85 17.56 -15.50
CA ARG C 56 -1.05 18.01 -14.36
C ARG C 56 -1.58 17.60 -12.98
N LEU C 57 -2.88 17.37 -12.84
CA LEU C 57 -3.41 16.89 -11.55
C LEU C 57 -3.39 15.37 -11.37
N PHE C 58 -3.20 14.62 -12.46
CA PHE C 58 -3.17 13.15 -12.39
C PHE C 58 -2.41 12.62 -11.16
N PRO C 59 -1.12 12.96 -11.03
CA PRO C 59 -0.26 12.45 -9.96
C PRO C 59 -0.80 12.77 -8.57
N GLU C 60 -1.61 13.81 -8.46
CA GLU C 60 -2.17 14.20 -7.17
C GLU C 60 -3.37 13.33 -6.80
N TYR C 61 -3.97 12.65 -7.77
CA TYR C 61 -5.18 11.87 -7.49
C TYR C 61 -5.05 10.35 -7.68
N MET C 62 -4.14 9.91 -8.54
CA MET C 62 -4.09 8.49 -8.86
C MET C 62 -2.66 8.00 -9.07
N THR C 63 -2.44 6.71 -8.85
CA THR C 63 -1.21 6.06 -9.28
C THR C 63 -1.59 5.00 -10.32
N ILE C 64 -0.66 4.69 -11.21
CA ILE C 64 -0.96 3.72 -12.24
C ILE C 64 0.24 2.81 -12.45
N ARG C 65 -0.05 1.55 -12.80
CA ARG C 65 0.97 0.61 -13.23
C ARG C 65 0.49 -0.09 -14.48
N PHE C 66 1.41 -0.37 -15.40
CA PHE C 66 1.05 -1.05 -16.63
C PHE C 66 1.66 -2.44 -16.72
N THR C 67 0.92 -3.35 -17.34
CA THR C 67 1.44 -4.70 -17.59
C THR C 67 1.03 -5.20 -18.98
N ASP C 68 1.53 -6.38 -19.32
CA ASP C 68 1.20 -7.04 -20.58
C ASP C 68 1.38 -6.13 -21.79
N VAL C 69 2.47 -5.36 -21.82
CA VAL C 69 2.73 -4.45 -22.94
C VAL C 69 3.14 -5.23 -24.18
N GLN C 70 2.40 -5.06 -25.28
CA GLN C 70 2.77 -5.73 -26.53
C GLN C 70 2.62 -4.82 -27.75
N PHE C 71 3.53 -4.97 -28.71
CA PHE C 71 3.46 -4.14 -29.91
C PHE C 71 3.27 -4.98 -31.16
N TYR C 72 2.52 -4.45 -32.10
CA TYR C 72 2.40 -5.05 -33.42
C TYR C 72 3.49 -4.48 -34.31
N GLU C 73 4.03 -5.32 -35.20
CA GLU C 73 5.08 -4.89 -36.10
C GLU C 73 4.51 -4.00 -37.20
N THR C 74 4.92 -2.74 -37.21
CA THR C 74 4.50 -1.79 -38.24
C THR C 74 5.58 -1.68 -39.31
N ALA C 75 5.20 -1.20 -40.48
CA ALA C 75 6.16 -0.94 -41.56
C ALA C 75 7.06 0.26 -41.24
N ASP C 76 6.54 1.18 -40.42
CA ASP C 76 7.18 2.47 -40.14
C ASP C 76 7.50 2.58 -38.64
N PRO C 77 8.79 2.73 -38.29
CA PRO C 77 9.24 2.82 -36.90
C PRO C 77 8.79 4.07 -36.17
N ASP C 78 8.36 5.11 -36.90
CA ASP C 78 7.75 6.29 -36.27
C ASP C 78 6.29 6.06 -35.94
N LEU C 79 5.78 4.86 -36.23
CA LEU C 79 4.42 4.50 -35.84
C LEU C 79 4.45 3.30 -34.91
N ALA C 80 3.77 3.41 -33.77
CA ALA C 80 3.66 2.28 -32.86
C ALA C 80 2.19 2.00 -32.53
N ILE C 81 1.83 0.73 -32.56
CA ILE C 81 0.48 0.33 -32.21
C ILE C 81 0.64 -0.77 -31.17
N GLY C 82 0.11 -0.53 -29.97
CA GLY C 82 0.33 -1.46 -28.89
C GLY C 82 -0.89 -1.68 -28.02
N GLU C 83 -0.90 -2.80 -27.32
CA GLU C 83 -1.88 -3.09 -26.30
C GLU C 83 -1.18 -3.21 -24.95
N PHE C 84 -1.89 -2.85 -23.89
CA PHE C 84 -1.37 -3.00 -22.56
C PHE C 84 -2.50 -2.88 -21.52
N HIS C 85 -2.23 -3.37 -20.31
CA HIS C 85 -3.19 -3.27 -19.24
C HIS C 85 -2.70 -2.23 -18.25
N GLY C 86 -3.62 -1.44 -17.71
CA GLY C 86 -3.26 -0.46 -16.72
C GLY C 86 -4.13 -0.61 -15.50
N ASP C 87 -3.53 -0.59 -14.32
CA ASP C 87 -4.29 -0.56 -13.08
C ASP C 87 -4.12 0.78 -12.39
N GLY C 88 -5.18 1.59 -12.37
CA GLY C 88 -5.13 2.90 -11.76
C GLY C 88 -5.77 2.85 -10.39
N VAL C 89 -5.18 3.56 -9.44
CA VAL C 89 -5.63 3.51 -8.05
C VAL C 89 -5.70 4.91 -7.47
N HIS C 90 -6.89 5.28 -7.00
CA HIS C 90 -7.04 6.48 -6.18
C HIS C 90 -7.07 6.10 -4.70
N LYS C 96 -10.36 0.08 -7.70
CA LYS C 96 -9.37 0.17 -8.76
C LYS C 96 -9.99 0.59 -10.09
N LEU C 97 -9.13 0.99 -11.03
CA LEU C 97 -9.54 1.16 -12.41
C LEU C 97 -8.66 0.23 -13.22
N ALA C 98 -9.22 -0.90 -13.61
CA ALA C 98 -8.49 -1.91 -14.36
C ALA C 98 -8.87 -1.81 -15.82
N ALA C 99 -7.94 -1.38 -16.66
CA ALA C 99 -8.25 -1.08 -18.06
C ALA C 99 -7.35 -1.78 -19.08
N ASP C 100 -7.97 -2.30 -20.14
CA ASP C 100 -7.25 -2.77 -21.32
C ASP C 100 -7.21 -1.64 -22.34
N TYR C 101 -6.02 -1.29 -22.82
CA TYR C 101 -5.90 -0.21 -23.79
C TYR C 101 -5.47 -0.72 -25.14
N ILE C 102 -5.83 -0.01 -26.19
CA ILE C 102 -5.07 -0.11 -27.44
C ILE C 102 -4.69 1.30 -27.86
N SER C 103 -3.47 1.43 -28.38
CA SER C 103 -2.85 2.72 -28.56
C SER C 103 -2.19 2.85 -29.93
N VAL C 104 -2.36 4.01 -30.55
CA VAL C 104 -1.69 4.33 -31.80
C VAL C 104 -0.85 5.58 -31.55
N LEU C 105 0.46 5.47 -31.74
CA LEU C 105 1.37 6.60 -31.50
C LEU C 105 2.18 6.93 -32.75
N ARG C 106 2.21 8.20 -33.10
CA ARG C 106 3.04 8.66 -34.21
C ARG C 106 4.07 9.62 -33.65
N THR C 107 5.34 9.33 -33.91
CA THR C 107 6.43 10.14 -33.39
C THR C 107 7.16 10.86 -34.52
N ARG C 108 7.84 11.94 -34.16
CA ARG C 108 8.59 12.74 -35.12
C ARG C 108 9.85 13.21 -34.40
N ASP C 109 11.00 12.68 -34.81
CA ASP C 109 12.27 13.01 -34.17
C ASP C 109 12.19 12.97 -32.65
N GLY C 110 11.66 11.87 -32.11
CA GLY C 110 11.67 11.65 -30.67
C GLY C 110 10.56 12.37 -29.91
N GLN C 111 9.66 13.02 -30.64
CA GLN C 111 8.53 13.73 -30.03
C GLN C 111 7.22 13.10 -30.49
N ILE C 112 6.21 13.15 -29.63
CA ILE C 112 4.91 12.57 -29.96
C ILE C 112 4.05 13.58 -30.69
N LEU C 113 3.59 13.23 -31.88
CA LEU C 113 2.71 14.09 -32.66
C LEU C 113 1.26 13.69 -32.42
N LEU C 114 1.03 12.39 -32.33
CA LEU C 114 -0.30 11.85 -32.09
C LEU C 114 -0.19 10.73 -31.06
N TYR C 115 -1.12 10.72 -30.10
CA TYR C 115 -1.20 9.69 -29.08
C TYR C 115 -2.68 9.37 -28.98
N ARG C 116 -3.11 8.33 -29.67
CA ARG C 116 -4.53 8.01 -29.78
C ARG C 116 -4.80 6.81 -28.91
N LEU C 117 -5.48 7.04 -27.79
CA LEU C 117 -5.58 6.02 -26.75
C LEU C 117 -6.99 5.55 -26.50
N PHE C 118 -7.25 4.32 -26.95
CA PHE C 118 -8.55 3.69 -26.75
C PHE C 118 -8.65 3.03 -25.39
N PHE C 119 -9.79 3.21 -24.71
CA PHE C 119 -10.08 2.48 -23.48
C PHE C 119 -11.62 2.37 -23.32
N ASN C 120 -12.07 1.55 -22.37
CA ASN C 120 -13.49 1.35 -22.12
C ASN C 120 -14.04 2.37 -21.11
N PRO C 121 -14.88 3.30 -21.58
CA PRO C 121 -15.32 4.34 -20.63
C PRO C 121 -16.29 3.81 -19.58
N LEU C 122 -16.83 2.62 -19.80
CA LEU C 122 -17.64 1.97 -18.78
C LEU C 122 -16.83 1.61 -17.55
N ARG C 123 -15.56 1.26 -17.73
CA ARG C 123 -14.71 0.89 -16.57
C ARG C 123 -14.43 2.12 -15.74
N VAL C 124 -14.48 3.28 -16.39
CA VAL C 124 -14.24 4.55 -15.70
C VAL C 124 -15.43 4.84 -14.81
N LEU C 125 -16.63 4.77 -15.38
CA LEU C 125 -17.86 5.00 -14.63
C LEU C 125 -18.08 3.92 -13.59
N MET D 1 -2.25 6.88 21.21
CA MET D 1 -1.27 7.83 21.75
C MET D 1 -1.97 8.92 22.56
N ASN D 2 -1.27 9.49 23.54
CA ASN D 2 -1.78 10.67 24.24
C ASN D 2 -1.54 11.94 23.39
N ALA D 3 -2.02 13.09 23.86
CA ALA D 3 -1.94 14.30 23.06
C ALA D 3 -0.50 14.75 22.78
N LYS D 4 0.38 14.59 23.77
CA LYS D 4 1.79 14.98 23.59
C LYS D 4 2.48 14.15 22.49
N GLU D 5 2.21 12.85 22.48
CA GLU D 5 2.80 11.95 21.49
C GLU D 5 2.30 12.26 20.07
N ILE D 6 1.00 12.55 19.97
CA ILE D 6 0.41 12.89 18.67
C ILE D 6 1.03 14.18 18.11
N VAL D 7 1.18 15.20 18.95
CA VAL D 7 1.81 16.46 18.55
C VAL D 7 3.20 16.23 17.92
N VAL D 8 4.04 15.46 18.61
CA VAL D 8 5.40 15.20 18.12
C VAL D 8 5.38 14.34 16.86
N HIS D 9 4.46 13.39 16.79
CA HIS D 9 4.29 12.57 15.57
C HIS D 9 3.83 13.44 14.39
N ALA D 10 2.94 14.39 14.66
CA ALA D 10 2.44 15.28 13.61
C ALA D 10 3.54 16.20 13.08
N LEU D 11 4.36 16.74 13.97
CA LEU D 11 5.44 17.62 13.53
C LEU D 11 6.39 16.83 12.64
N ARG D 12 6.67 15.59 13.04
CA ARG D 12 7.56 14.72 12.25
C ARG D 12 7.02 14.47 10.83
N LEU D 13 5.72 14.20 10.73
CA LEU D 13 5.09 14.02 9.41
C LEU D 13 5.27 15.23 8.49
N LEU D 14 5.03 16.44 9.03
CA LEU D 14 5.18 17.66 8.23
C LEU D 14 6.62 17.89 7.80
N GLU D 15 7.57 17.61 8.70
CA GLU D 15 8.98 17.72 8.36
C GLU D 15 9.34 16.86 7.16
N ASN D 16 8.65 15.74 7.00
CA ASN D 16 8.91 14.84 5.89
C ASN D 16 8.08 15.16 4.64
N GLY D 17 7.37 16.28 4.65
CA GLY D 17 6.55 16.65 3.51
C GLY D 17 5.27 15.85 3.41
N ASP D 18 4.97 15.05 4.42
CA ASP D 18 3.82 14.14 4.39
C ASP D 18 2.52 14.82 4.88
N ALA D 19 1.99 15.74 4.07
CA ALA D 19 0.73 16.41 4.41
C ALA D 19 -0.42 15.41 4.55
N ARG D 20 -0.41 14.37 3.72
CA ARG D 20 -1.50 13.40 3.76
C ARG D 20 -1.54 12.66 5.09
N GLY D 21 -0.38 12.19 5.54
CA GLY D 21 -0.30 11.53 6.83
C GLY D 21 -0.70 12.44 7.99
N TRP D 22 -0.31 13.71 7.91
CA TRP D 22 -0.68 14.69 8.95
C TRP D 22 -2.20 14.83 9.03
N CYS D 23 -2.86 15.02 7.88
CA CYS D 23 -4.32 15.15 7.85
C CYS D 23 -5.01 13.87 8.31
N ASP D 24 -4.38 12.72 8.04
CA ASP D 24 -4.88 11.44 8.49
C ASP D 24 -5.02 11.35 10.00
N LEU D 25 -4.22 12.13 10.73
CA LEU D 25 -4.30 12.12 12.18
C LEU D 25 -5.60 12.73 12.72
N PHE D 26 -6.25 13.57 11.93
CA PHE D 26 -7.48 14.21 12.41
C PHE D 26 -8.67 13.28 12.38
N HIS D 27 -9.52 13.38 13.40
CA HIS D 27 -10.85 12.79 13.35
C HIS D 27 -11.59 13.35 12.12
N PRO D 28 -12.50 12.56 11.53
CA PRO D 28 -13.22 13.05 10.35
C PRO D 28 -13.90 14.39 10.62
N GLU D 29 -14.29 14.61 11.86
CA GLU D 29 -14.94 15.87 12.25
C GLU D 29 -13.97 16.80 12.99
N GLY D 30 -12.68 16.48 12.93
CA GLY D 30 -11.66 17.29 13.58
C GLY D 30 -11.55 18.70 13.02
N VAL D 31 -10.97 19.60 13.79
CA VAL D 31 -10.90 21.02 13.44
C VAL D 31 -9.48 21.56 13.53
N LEU D 32 -9.06 22.25 12.48
CA LEU D 32 -7.81 23.00 12.52
C LEU D 32 -8.17 24.47 12.67
N GLU D 33 -7.49 25.16 13.59
CA GLU D 33 -7.68 26.60 13.72
C GLU D 33 -6.35 27.35 13.67
N TYR D 34 -6.36 28.48 12.97
CA TYR D 34 -5.32 29.49 13.09
C TYR D 34 -5.93 30.72 13.73
N PRO D 35 -5.85 30.87 15.07
CA PRO D 35 -6.52 32.05 15.64
C PRO D 35 -5.97 33.37 15.07
N TYR D 36 -4.70 33.37 14.63
CA TYR D 36 -4.07 34.59 14.11
C TYR D 36 -3.66 34.33 12.66
N PRO D 37 -4.63 34.28 11.75
CA PRO D 37 -4.31 33.86 10.37
C PRO D 37 -3.69 35.01 9.56
N PRO D 38 -2.90 34.67 8.53
CA PRO D 38 -2.46 35.75 7.63
C PRO D 38 -3.69 36.33 6.92
N PRO D 39 -3.62 37.63 6.55
CA PRO D 39 -4.76 38.28 5.88
C PRO D 39 -5.31 37.43 4.74
N GLY D 40 -6.64 37.32 4.65
CA GLY D 40 -7.23 36.49 3.62
C GLY D 40 -7.58 35.08 4.06
N TYR D 41 -6.76 34.49 4.95
CA TYR D 41 -7.02 33.10 5.35
C TYR D 41 -8.14 32.94 6.36
N LYS D 42 -8.77 31.76 6.34
CA LYS D 42 -9.77 31.41 7.35
C LYS D 42 -9.08 31.18 8.68
N THR D 43 -9.81 31.30 9.79
CA THR D 43 -9.25 30.98 11.10
C THR D 43 -9.65 29.58 11.52
N ARG D 44 -10.56 28.98 10.78
CA ARG D 44 -11.10 27.67 11.16
C ARG D 44 -11.36 26.76 9.97
N PHE D 45 -10.89 25.52 10.05
CA PHE D 45 -11.08 24.50 9.01
C PHE D 45 -11.76 23.30 9.64
N GLU D 46 -13.04 23.10 9.35
CA GLU D 46 -13.80 22.03 9.99
C GLU D 46 -13.87 20.80 9.11
N GLY D 47 -13.47 19.67 9.69
CA GLY D 47 -13.54 18.39 9.00
C GLY D 47 -12.25 18.06 8.30
N ARG D 48 -11.86 16.78 8.34
CA ARG D 48 -10.59 16.33 7.78
C ARG D 48 -10.44 16.68 6.31
N GLU D 49 -11.50 16.54 5.53
CA GLU D 49 -11.44 16.83 4.09
C GLU D 49 -11.17 18.31 3.80
N THR D 50 -11.79 19.19 4.58
CA THR D 50 -11.58 20.63 4.39
C THR D 50 -10.13 21.00 4.71
N ILE D 51 -9.61 20.38 5.77
CA ILE D 51 -8.23 20.57 6.19
C ILE D 51 -7.25 20.10 5.11
N TRP D 52 -7.48 18.92 4.57
CA TRP D 52 -6.67 18.36 3.48
C TRP D 52 -6.65 19.23 2.21
N ALA D 53 -7.79 19.82 1.85
CA ALA D 53 -7.85 20.65 0.64
C ALA D 53 -6.87 21.83 0.78
N HIS D 54 -6.77 22.32 2.01
CA HIS D 54 -5.81 23.35 2.39
C HIS D 54 -4.35 22.81 2.45
N MET D 55 -4.14 21.74 3.20
CA MET D 55 -2.78 21.26 3.48
C MET D 55 -2.13 20.48 2.32
N ARG D 56 -2.94 20.01 1.38
CA ARG D 56 -2.47 19.41 0.13
C ARG D 56 -1.32 20.18 -0.52
N LEU D 57 -1.47 21.50 -0.58
CA LEU D 57 -0.58 22.34 -1.39
C LEU D 57 0.76 22.62 -0.72
N PHE D 58 0.81 22.41 0.60
CA PHE D 58 1.95 22.86 1.41
C PHE D 58 3.32 22.31 0.98
N PRO D 59 3.45 20.97 0.88
CA PRO D 59 4.74 20.32 0.56
C PRO D 59 5.33 20.79 -0.78
N GLU D 60 4.50 21.33 -1.65
CA GLU D 60 5.01 21.82 -2.92
C GLU D 60 5.47 23.26 -2.77
N TYR D 61 4.88 23.98 -1.82
CA TYR D 61 5.23 25.40 -1.63
C TYR D 61 6.37 25.61 -0.64
N MET D 62 6.52 24.69 0.31
CA MET D 62 7.42 24.92 1.43
C MET D 62 7.99 23.65 2.04
N THR D 63 9.18 23.78 2.60
CA THR D 63 9.84 22.73 3.38
C THR D 63 9.94 23.27 4.81
N ILE D 64 9.74 22.42 5.81
CA ILE D 64 9.80 22.91 7.19
C ILE D 64 10.52 21.95 8.16
N ARG D 65 11.14 22.51 9.19
CA ARG D 65 11.66 21.68 10.27
C ARG D 65 11.28 22.34 11.57
N PHE D 66 11.13 21.55 12.61
CA PHE D 66 10.73 22.10 13.91
C PHE D 66 11.80 21.83 14.92
N THR D 67 11.76 22.59 16.01
CA THR D 67 12.73 22.45 17.08
C THR D 67 12.16 23.01 18.37
N ASP D 68 12.87 22.80 19.47
CA ASP D 68 12.50 23.38 20.76
C ASP D 68 11.07 23.05 21.25
N VAL D 69 10.59 21.85 20.96
CA VAL D 69 9.26 21.44 21.44
C VAL D 69 9.26 21.35 22.97
N GLN D 70 8.30 22.01 23.62
CA GLN D 70 8.21 22.00 25.07
C GLN D 70 6.76 22.01 25.51
N PHE D 71 6.38 21.12 26.41
CA PHE D 71 4.99 21.02 26.81
C PHE D 71 4.73 21.57 28.22
N TYR D 72 3.60 22.23 28.41
CA TYR D 72 3.17 22.55 29.77
C TYR D 72 2.47 21.31 30.32
N GLU D 73 2.54 21.10 31.63
CA GLU D 73 1.94 19.88 32.19
C GLU D 73 0.43 20.07 32.41
N THR D 74 -0.36 19.26 31.72
CA THR D 74 -1.82 19.28 31.86
C THR D 74 -2.29 18.14 32.74
N ALA D 75 -3.52 18.24 33.21
CA ALA D 75 -4.09 17.21 34.07
C ALA D 75 -4.51 15.98 33.25
N ASP D 76 -5.03 16.22 32.05
CA ASP D 76 -5.59 15.16 31.22
C ASP D 76 -4.73 14.88 30.00
N PRO D 77 -4.36 13.61 29.80
CA PRO D 77 -3.45 13.20 28.72
C PRO D 77 -4.01 13.40 27.31
N ASP D 78 -5.32 13.63 27.17
CA ASP D 78 -5.91 13.88 25.84
C ASP D 78 -5.87 15.38 25.49
N LEU D 79 -5.23 16.16 26.34
CA LEU D 79 -4.94 17.56 26.05
C LEU D 79 -3.44 17.78 26.08
N ALA D 80 -2.92 18.46 25.08
CA ALA D 80 -1.52 18.91 25.10
C ALA D 80 -1.43 20.39 24.76
N ILE D 81 -0.58 21.10 25.50
CA ILE D 81 -0.32 22.51 25.23
C ILE D 81 1.20 22.66 25.19
N GLY D 82 1.72 23.02 24.02
CA GLY D 82 3.16 23.08 23.83
C GLY D 82 3.59 24.22 22.96
N GLU D 83 4.80 24.69 23.20
CA GLU D 83 5.40 25.69 22.34
C GLU D 83 6.49 25.00 21.53
N PHE D 84 6.77 25.54 20.35
CA PHE D 84 7.87 25.04 19.52
C PHE D 84 8.17 26.04 18.42
N HIS D 85 9.23 25.80 17.66
CA HIS D 85 9.67 26.73 16.64
C HIS D 85 9.71 26.01 15.30
N GLY D 86 9.29 26.70 14.24
CA GLY D 86 9.36 26.15 12.90
C GLY D 86 10.21 27.01 11.99
N ASP D 87 10.97 26.38 11.10
CA ASP D 87 11.74 27.08 10.09
C ASP D 87 11.39 26.56 8.71
N GLY D 88 10.60 27.34 8.00
CA GLY D 88 10.15 26.93 6.68
C GLY D 88 10.90 27.67 5.60
N VAL D 89 11.03 27.04 4.44
CA VAL D 89 11.63 27.66 3.28
C VAL D 89 10.68 27.53 2.10
N HIS D 90 10.47 28.62 1.38
CA HIS D 90 9.66 28.60 0.18
C HIS D 90 10.41 28.00 -1.00
N SER D 93 10.90 31.10 -4.36
CA SER D 93 11.20 32.27 -3.54
C SER D 93 12.56 32.13 -2.87
N GLY D 94 12.78 31.02 -2.19
CA GLY D 94 13.97 30.85 -1.35
C GLY D 94 13.79 31.54 -0.01
N GLY D 95 12.68 32.27 0.12
CA GLY D 95 12.39 33.03 1.34
C GLY D 95 12.06 32.15 2.53
N LYS D 96 12.28 32.68 3.73
CA LYS D 96 12.22 31.87 4.93
C LYS D 96 11.15 32.33 5.91
N LEU D 97 10.54 31.36 6.58
CA LEU D 97 9.56 31.61 7.62
C LEU D 97 10.16 31.15 8.95
N ALA D 98 10.24 32.05 9.90
CA ALA D 98 10.75 31.72 11.22
C ALA D 98 9.63 31.96 12.21
N ALA D 99 9.04 30.88 12.72
CA ALA D 99 7.82 31.04 13.52
C ALA D 99 7.92 30.40 14.90
N ASP D 100 7.57 31.16 15.94
CA ASP D 100 7.37 30.55 17.26
C ASP D 100 5.88 30.25 17.42
N TYR D 101 5.58 28.98 17.73
CA TYR D 101 4.21 28.54 17.87
C TYR D 101 3.83 28.30 19.31
N ILE D 102 2.54 28.46 19.62
CA ILE D 102 1.98 27.79 20.79
C ILE D 102 0.70 27.09 20.33
N SER D 103 0.52 25.88 20.82
CA SER D 103 -0.47 24.99 20.25
C SER D 103 -1.30 24.40 21.37
N VAL D 104 -2.60 24.27 21.10
CA VAL D 104 -3.50 23.56 21.98
C VAL D 104 -4.05 22.41 21.16
N LEU D 105 -3.91 21.19 21.67
CA LEU D 105 -4.39 20.02 20.94
C LEU D 105 -5.32 19.18 21.81
N ARG D 106 -6.52 18.91 21.28
CA ARG D 106 -7.46 18.00 21.93
C ARG D 106 -7.52 16.71 21.11
N THR D 107 -7.30 15.58 21.76
CA THR D 107 -7.39 14.29 21.08
C THR D 107 -8.42 13.37 21.71
N ARG D 108 -8.86 12.40 20.93
CA ARG D 108 -9.81 11.38 21.38
C ARG D 108 -9.42 10.07 20.72
N ASP D 109 -8.88 9.14 21.50
CA ASP D 109 -8.52 7.81 21.00
C ASP D 109 -7.58 7.85 19.80
N GLY D 110 -6.44 8.51 19.96
CA GLY D 110 -5.42 8.56 18.94
C GLY D 110 -5.69 9.46 17.75
N GLN D 111 -6.85 10.13 17.71
CA GLN D 111 -7.15 11.07 16.62
C GLN D 111 -7.37 12.51 17.12
N ILE D 112 -7.11 13.49 16.25
CA ILE D 112 -7.15 14.89 16.64
C ILE D 112 -8.55 15.50 16.47
N LEU D 113 -9.11 16.05 17.54
CA LEU D 113 -10.40 16.75 17.47
C LEU D 113 -10.20 18.25 17.30
N LEU D 114 -9.13 18.77 17.89
CA LEU D 114 -8.83 20.20 17.74
C LEU D 114 -7.32 20.42 17.75
N TYR D 115 -6.87 21.20 16.78
CA TYR D 115 -5.47 21.54 16.63
C TYR D 115 -5.48 23.06 16.49
N ARG D 116 -5.35 23.76 17.62
CA ARG D 116 -5.43 25.22 17.64
C ARG D 116 -4.01 25.77 17.65
N LEU D 117 -3.63 26.40 16.53
CA LEU D 117 -2.23 26.75 16.31
C LEU D 117 -2.03 28.25 16.15
N PHE D 118 -1.54 28.87 17.23
CA PHE D 118 -1.20 30.29 17.25
C PHE D 118 0.17 30.51 16.64
N PHE D 119 0.30 31.56 15.84
CA PHE D 119 1.61 32.03 15.39
C PHE D 119 1.48 33.51 15.05
N ASN D 120 2.59 34.14 14.77
CA ASN D 120 2.60 35.57 14.45
C ASN D 120 2.51 35.74 12.95
N PRO D 121 1.35 36.21 12.46
CA PRO D 121 1.13 36.28 11.02
C PRO D 121 2.09 37.24 10.35
N LEU D 122 2.69 38.14 11.12
CA LEU D 122 3.69 39.06 10.55
C LEU D 122 4.93 38.32 10.04
N ARG D 123 5.30 37.21 10.70
CA ARG D 123 6.42 36.40 10.21
C ARG D 123 6.13 35.77 8.84
N VAL D 124 4.84 35.62 8.51
CA VAL D 124 4.47 35.07 7.22
C VAL D 124 4.56 36.14 6.14
N LEU D 125 4.15 37.37 6.46
CA LEU D 125 4.16 38.46 5.50
C LEU D 125 5.57 39.03 5.30
N GLU D 126 6.48 38.72 6.21
CA GLU D 126 7.83 39.27 6.15
C GLU D 126 8.88 38.16 6.06
N PRO D 127 9.04 37.59 4.86
CA PRO D 127 10.03 36.51 4.68
C PRO D 127 11.45 37.02 4.89
N LEU D 128 12.37 36.12 5.25
CA LEU D 128 13.75 36.52 5.51
C LEU D 128 14.75 35.71 4.68
O23 DOG E . 3.37 -3.11 4.40
C23 DOG E . 4.53 -3.17 4.06
C22 DOG E . 5.07 -3.39 2.77
O21 DOG E . 5.41 -2.74 4.85
C21 DOG E . 6.58 -2.93 4.31
C20 DOG E . 6.33 -3.28 2.91
C17 DOG E . 7.26 -3.26 1.79
C16 DOG E . 7.99 -1.99 1.74
C13 DOG E . 8.34 -4.38 1.88
C18 DOG E . 8.00 -5.53 2.81
C12 DOG E . 8.60 -4.93 0.44
O12 DOG E . 7.54 -5.65 0.08
C14 DOG E . 9.55 -3.58 2.32
C15 DOG E . 9.42 -2.35 1.54
O14 DOG E . 9.43 -3.27 3.57
C8 DOG E . 10.89 -4.39 2.14
C7 DOG E . 12.06 -3.52 2.49
C9 DOG E . 11.03 -5.01 0.78
C11 DOG E . 9.81 -5.81 0.42
C10 DOG E . 12.33 -5.83 0.67
C19 DOG E . 12.28 -6.98 1.53
C5 DOG E . 13.53 -4.98 1.09
C6 DOG E . 13.30 -4.28 2.44
C4 DOG E . 13.86 -3.94 0.05
C3 DOG E . 13.96 -4.49 -1.36
O32 DOG E . 15.09 -5.30 -1.49
C2 DOG E . 12.70 -5.20 -1.67
C1 DOG E . 12.54 -6.31 -0.75
O23 DOG F . -2.32 -27.75 5.19
C23 DOG F . -1.77 -28.36 4.30
C22 DOG F . -0.37 -28.49 4.04
O21 DOG F . -2.45 -28.62 3.25
C21 DOG F . -1.65 -29.24 2.41
C20 DOG F . -0.27 -29.00 2.87
C17 DOG F . 1.00 -29.43 2.25
C16 DOG F . 1.03 -30.92 1.93
C13 DOG F . 1.44 -28.68 0.94
C18 DOG F . 0.78 -27.37 0.70
C12 DOG F . 2.98 -28.54 1.01
O12 DOG F . 3.28 -27.65 1.94
C14 DOG F . 1.09 -29.71 -0.17
C15 DOG F . 1.32 -31.07 0.49
O14 DOG F . -0.14 -29.56 -0.47
C8 DOG F . 1.86 -29.47 -1.48
C7 DOG F . 1.57 -30.54 -2.49
C9 DOG F . 3.36 -29.28 -1.27
C11 DOG F . 3.60 -28.17 -0.31
C10 DOG F . 3.98 -28.91 -2.64
C19 DOG F . 3.37 -27.68 -3.11
C5 DOG F . 3.70 -29.97 -3.68
C6 DOG F . 2.20 -30.20 -3.79
C4 DOG F . 4.36 -31.24 -3.34
C3 DOG F . 5.84 -31.13 -3.09
O32 DOG F . 6.40 -30.88 -4.25
C2 DOG F . 6.14 -29.99 -2.15
C1 DOG F . 5.44 -28.73 -2.52
O23 DOG G . -1.19 5.71 -21.68
C23 DOG G . -1.90 6.33 -20.92
C22 DOG G . -2.86 5.90 -19.89
O21 DOG G . -1.90 7.70 -21.00
C21 DOG G . -2.72 8.21 -19.93
C20 DOG G . -3.39 6.99 -19.34
C17 DOG G . -4.36 6.97 -18.20
C16 DOG G . -3.83 7.82 -17.01
C13 DOG G . -5.79 7.52 -18.55
C18 DOG G . -6.17 7.49 -20.04
C12 DOG G . -6.79 6.65 -17.69
O12 DOG G . -6.80 5.37 -18.25
C14 DOG G . -5.75 8.94 -17.97
C15 DOG G . -4.97 8.77 -16.63
O14 DOG G . -5.02 9.73 -18.87
C8 DOG G . -7.09 9.62 -17.84
C7 DOG G . -6.95 10.83 -16.90
C9 DOG G . -8.26 8.68 -17.31
C11 DOG G . -8.19 7.16 -17.71
C10 DOG G . -9.58 9.31 -16.78
C19 DOG G . -10.42 9.55 -18.04
C5 DOG G . -9.35 10.68 -16.07
C6 DOG G . -8.30 11.53 -16.84
C4 DOG G . -8.87 10.54 -14.62
C3 DOG G . -9.74 9.60 -13.80
O32 DOG G . -11.05 10.11 -13.81
C2 DOG G . -9.69 8.23 -14.47
C1 DOG G . -10.31 8.30 -15.85
O23 DOG H . 2.16 22.67 13.41
C23 DOG H . 2.01 23.06 12.27
C22 DOG H . 2.74 24.06 11.57
O21 DOG H . 0.99 22.69 11.60
C21 DOG H . 0.98 23.38 10.46
C20 DOG H . 2.12 24.30 10.49
C17 DOG H . 2.66 25.19 9.43
C16 DOG H . 2.88 24.46 8.20
C13 DOG H . 1.74 26.39 9.08
C18 DOG H . 0.68 26.74 10.16
C12 DOG H . 2.69 27.60 8.78
O12 DOG H . 3.15 28.06 9.92
C14 DOG H . 1.13 25.94 7.79
C15 DOG H . 2.27 25.27 7.12
O14 DOG H . 0.20 25.04 8.06
C8 DOG H . 0.48 27.12 6.98
C7 DOG H . -0.07 26.65 5.67
C9 DOG H . 1.43 28.26 6.77
C11 DOG H . 2.00 28.72 8.07
C10 DOG H . 0.71 29.41 6.06
C19 DOG H . -0.33 29.92 6.86
C5 DOG H . 0.08 28.93 4.78
C6 DOG H . -0.81 27.73 5.04
C4 DOG H . 1.12 28.63 3.70
C3 DOG H . 2.10 29.74 3.47
O32 DOG H . 1.42 30.82 2.89
C2 DOG H . 2.72 30.10 4.77
C1 DOG H . 1.71 30.52 5.75
#